data_2YNZ
#
_entry.id   2YNZ
#
_cell.length_a   44.690
_cell.length_b   60.300
_cell.length_c   135.590
_cell.angle_alpha   90.00
_cell.angle_beta   90.00
_cell.angle_gamma   90.00
#
_symmetry.space_group_name_H-M   'P 21 21 21'
#
loop_
_entity.id
_entity.type
_entity.pdbx_description
1 polymer 'GENERAL CONTROL PROTEIN GCN4, PUTATIVE INNER MEMBRANE PROTEIN'
2 non-polymer 'NITRATE ION'
3 water water
#
_entity_poly.entity_id   1
_entity_poly.type   'polypeptide(L)'
_entity_poly.pdbx_seq_one_letter_code
;MKQIEDKIEEILSKIYHIENEIARIKKLIYETNQKVDQNTSAIADINTSITNLGTDALSWDDEEGAFSASHGTSGTNKIT
NVAAGEIASDSTDAVNGSQLYETNMLISQYNESISQLAGDTSETYITENGTGVKYIRTNDNGLEGQDAYATGNG
;
_entity_poly.pdbx_strand_id   A,B,C
#
loop_
_chem_comp.id
_chem_comp.type
_chem_comp.name
_chem_comp.formula
NO3 non-polymer 'NITRATE ION' 'N O3 -1'
#
# COMPACT_ATOMS: atom_id res chain seq x y z
N GLN A 3 56.63 36.62 12.76
CA GLN A 3 56.24 35.45 11.92
C GLN A 3 55.40 34.43 12.71
N ILE A 4 55.71 34.23 13.99
CA ILE A 4 55.01 33.19 14.77
C ILE A 4 53.62 33.67 15.23
N GLU A 5 53.50 34.96 15.54
CA GLU A 5 52.20 35.53 15.89
C GLU A 5 51.27 35.47 14.67
N ASP A 6 51.83 35.70 13.48
CA ASP A 6 51.09 35.57 12.22
C ASP A 6 50.57 34.16 12.05
N LYS A 7 51.44 33.17 12.30
CA LYS A 7 51.08 31.75 12.17
C LYS A 7 49.97 31.37 13.17
N ILE A 8 50.07 31.91 14.39
CA ILE A 8 49.03 31.69 15.39
C ILE A 8 47.68 32.29 14.94
N GLU A 9 47.70 33.49 14.38
CA GLU A 9 46.49 34.12 13.82
C GLU A 9 45.89 33.32 12.66
N GLU A 10 46.77 32.80 11.78
CA GLU A 10 46.36 31.91 10.70
C GLU A 10 45.66 30.69 11.29
N ILE A 11 46.32 30.07 12.26
CA ILE A 11 45.76 28.88 12.90
C ILE A 11 44.38 29.19 13.50
N LEU A 12 44.28 30.28 14.26
CA LEU A 12 43.01 30.62 14.90
C LEU A 12 41.91 30.88 13.86
N SER A 13 42.25 31.58 12.78
CA SER A 13 41.29 31.84 11.71
CA SER A 13 41.28 31.84 11.69
C SER A 13 40.77 30.52 11.12
N LYS A 14 41.69 29.58 10.92
CA LYS A 14 41.31 28.28 10.37
C LYS A 14 40.44 27.52 11.33
N ILE A 15 40.73 27.65 12.63
CA ILE A 15 39.93 26.98 13.66
C ILE A 15 38.53 27.60 13.72
N TYR A 16 38.43 28.91 13.62
CA TYR A 16 37.09 29.51 13.67
C TYR A 16 36.22 29.03 12.51
N HIS A 17 36.80 28.99 11.31
CA HIS A 17 36.09 28.49 10.13
C HIS A 17 35.64 27.04 10.34
N ILE A 18 36.55 26.18 10.83
CA ILE A 18 36.20 24.77 11.10
C ILE A 18 35.05 24.70 12.10
N GLU A 19 35.09 25.53 13.15
CA GLU A 19 34.05 25.53 14.17
C GLU A 19 32.70 25.95 13.56
N ASN A 20 32.74 26.93 12.67
CA ASN A 20 31.52 27.42 12.04
C ASN A 20 30.92 26.32 11.14
N GLU A 21 31.78 25.66 10.38
CA GLU A 21 31.34 24.60 9.50
C GLU A 21 30.69 23.47 10.31
N ILE A 22 31.32 23.11 11.43
CA ILE A 22 30.79 22.08 12.34
C ILE A 22 29.43 22.45 12.89
N ALA A 23 29.24 23.70 13.29
CA ALA A 23 27.92 24.17 13.72
C ALA A 23 26.86 23.97 12.65
N ARG A 24 27.16 24.33 11.40
CA ARG A 24 26.21 24.18 10.32
C ARG A 24 25.93 22.69 10.07
N ILE A 25 26.97 21.88 10.14
CA ILE A 25 26.83 20.43 9.92
C ILE A 25 25.90 19.81 10.95
N LYS A 26 26.03 20.21 12.20
CA LYS A 26 25.13 19.74 13.24
C LYS A 26 23.68 20.08 12.90
N LYS A 27 23.42 21.30 12.41
CA LYS A 27 22.07 21.68 11.91
C LYS A 27 21.62 20.76 10.78
N LEU A 28 22.48 20.55 9.79
CA LEU A 28 22.10 19.76 8.63
C LEU A 28 21.73 18.33 9.06
N ILE A 29 22.53 17.74 9.95
CA ILE A 29 22.27 16.37 10.41
C ILE A 29 20.97 16.26 11.21
N TYR A 30 20.65 17.33 11.94
CA TYR A 30 19.39 17.40 12.69
C TYR A 30 18.20 17.47 11.75
N GLU A 31 18.26 18.40 10.80
CA GLU A 31 17.21 18.55 9.80
C GLU A 31 16.99 17.23 9.07
N THR A 32 18.09 16.56 8.71
CA THR A 32 17.98 15.27 8.01
C THR A 32 17.28 14.22 8.88
N ASN A 33 17.72 14.08 10.12
CA ASN A 33 17.18 13.09 11.05
C ASN A 33 15.71 13.33 11.41
N GLN A 34 15.26 14.59 11.34
CA GLN A 34 13.84 14.90 11.48
C GLN A 34 13.03 14.35 10.30
N LYS A 35 13.54 14.59 9.09
CA LYS A 35 12.87 14.09 7.88
C LYS A 35 12.84 12.56 7.90
N VAL A 36 13.93 11.92 8.30
CA VAL A 36 14.02 10.46 8.37
C VAL A 36 13.05 9.86 9.39
N ASP A 37 12.96 10.47 10.57
CA ASP A 37 12.01 10.02 11.61
C ASP A 37 10.57 10.13 11.13
N GLN A 38 10.26 11.24 10.46
CA GLN A 38 8.96 11.44 9.82
C GLN A 38 8.65 10.29 8.86
N ASN A 39 9.62 9.96 8.01
CA ASN A 39 9.43 8.91 7.00
C ASN A 39 9.32 7.52 7.61
N THR A 40 10.07 7.27 8.67
CA THR A 40 10.02 5.98 9.36
C THR A 40 8.62 5.74 9.96
N SER A 41 8.06 6.77 10.59
CA SER A 41 6.70 6.74 11.12
C SER A 41 5.68 6.53 10.00
N ALA A 42 5.86 7.26 8.90
CA ALA A 42 4.97 7.17 7.74
C ALA A 42 4.97 5.77 7.14
N ILE A 43 6.16 5.20 7.03
CA ILE A 43 6.32 3.83 6.53
C ILE A 43 5.60 2.83 7.43
N ALA A 44 5.73 2.99 8.75
CA ALA A 44 5.04 2.10 9.69
C ALA A 44 3.53 2.14 9.46
N ASP A 45 2.98 3.35 9.30
CA ASP A 45 1.56 3.52 9.05
C ASP A 45 1.16 2.91 7.70
N ILE A 46 1.98 3.11 6.69
CA ILE A 46 1.74 2.52 5.37
C ILE A 46 1.73 1.00 5.43
N ASN A 47 2.68 0.40 6.17
CA ASN A 47 2.71 -1.05 6.35
C ASN A 47 1.41 -1.59 6.93
N THR A 48 0.84 -0.87 7.89
CA THR A 48 -0.44 -1.26 8.48
C THR A 48 -1.54 -1.19 7.44
N SER A 49 -1.58 -0.10 6.66
CA SER A 49 -2.59 0.08 5.64
C SER A 49 -2.53 -1.01 4.58
N ILE A 50 -1.31 -1.32 4.12
CA ILE A 50 -1.08 -2.38 3.14
C ILE A 50 -1.51 -3.73 3.70
N THR A 51 -1.15 -4.00 4.95
CA THR A 51 -1.55 -5.25 5.59
C THR A 51 -3.08 -5.34 5.59
N ASN A 52 -3.73 -4.26 6.01
CA ASN A 52 -5.18 -4.24 6.10
C ASN A 52 -5.84 -4.40 4.73
N LEU A 53 -5.35 -3.69 3.72
CA LEU A 53 -5.87 -3.85 2.36
C LEU A 53 -5.70 -5.30 1.87
N GLY A 54 -4.53 -5.88 2.13
CA GLY A 54 -4.30 -7.29 1.78
C GLY A 54 -5.26 -8.26 2.47
N THR A 55 -5.57 -8.00 3.74
CA THR A 55 -6.48 -8.85 4.49
C THR A 55 -7.91 -8.68 4.01
N ASP A 56 -8.27 -7.45 3.65
CA ASP A 56 -9.67 -7.10 3.40
C ASP A 56 -10.11 -6.99 1.93
N ALA A 57 -9.18 -6.93 0.99
CA ALA A 57 -9.55 -6.85 -0.43
C ALA A 57 -10.04 -8.21 -0.89
N LEU A 58 -11.13 -8.25 -1.65
CA LEU A 58 -11.56 -9.47 -2.31
C LEU A 58 -10.59 -9.68 -3.47
N SER A 59 -9.75 -10.69 -3.38
CA SER A 59 -8.62 -10.79 -4.30
CA SER A 59 -8.60 -10.80 -4.27
C SER A 59 -8.60 -12.06 -5.11
N TRP A 60 -7.83 -12.02 -6.19
CA TRP A 60 -7.58 -13.18 -7.02
C TRP A 60 -6.91 -14.28 -6.23
N ASP A 61 -7.32 -15.51 -6.53
CA ASP A 61 -6.69 -16.70 -5.99
C ASP A 61 -6.13 -17.50 -7.17
N ASP A 62 -4.80 -17.48 -7.29
CA ASP A 62 -4.11 -18.14 -8.41
C ASP A 62 -4.43 -19.62 -8.53
N GLU A 63 -4.51 -20.31 -7.39
CA GLU A 63 -4.72 -21.75 -7.42
C GLU A 63 -6.13 -22.06 -7.91
N GLU A 64 -7.08 -21.21 -7.52
CA GLU A 64 -8.47 -21.38 -7.90
C GLU A 64 -8.78 -20.83 -9.30
N GLY A 65 -7.93 -19.94 -9.80
CA GLY A 65 -8.16 -19.29 -11.09
C GLY A 65 -9.43 -18.46 -11.10
N ALA A 66 -9.69 -17.82 -9.96
CA ALA A 66 -10.91 -17.02 -9.77
C ALA A 66 -10.67 -16.05 -8.64
N PHE A 67 -11.49 -15.00 -8.57
CA PHE A 67 -11.59 -14.23 -7.33
C PHE A 67 -12.22 -15.10 -6.24
N SER A 68 -11.74 -14.89 -5.01
CA SER A 68 -12.15 -15.64 -3.86
C SER A 68 -12.71 -14.76 -2.72
N ALA A 69 -13.89 -15.14 -2.24
CA ALA A 69 -14.52 -14.47 -1.08
C ALA A 69 -14.16 -15.14 0.23
N SER A 70 -13.09 -15.94 0.25
CA SER A 70 -12.51 -16.33 1.53
C SER A 70 -11.97 -15.08 2.24
N HIS A 71 -11.99 -15.09 3.56
CA HIS A 71 -11.49 -13.97 4.35
C HIS A 71 -10.95 -14.45 5.70
N GLY A 72 -9.69 -14.14 5.98
CA GLY A 72 -9.11 -14.53 7.26
C GLY A 72 -9.25 -16.03 7.45
N THR A 73 -9.83 -16.43 8.58
CA THR A 73 -10.05 -17.85 8.87
C THR A 73 -11.41 -18.40 8.40
N SER A 74 -12.17 -17.62 7.63
CA SER A 74 -13.47 -18.03 7.13
C SER A 74 -13.39 -18.29 5.62
N GLY A 75 -13.59 -19.53 5.20
CA GLY A 75 -13.42 -19.93 3.80
C GLY A 75 -14.44 -19.43 2.82
N THR A 76 -15.66 -19.18 3.30
CA THR A 76 -16.73 -18.67 2.47
C THR A 76 -17.47 -17.54 3.19
N ASN A 77 -17.81 -16.50 2.44
CA ASN A 77 -18.44 -15.34 3.04
C ASN A 77 -19.33 -14.67 2.03
N LYS A 78 -20.28 -13.88 2.51
CA LYS A 78 -21.20 -13.19 1.62
C LYS A 78 -20.51 -12.02 0.90
N ILE A 79 -21.06 -11.66 -0.26
CA ILE A 79 -20.81 -10.36 -0.84
C ILE A 79 -22.13 -9.64 -0.79
N THR A 80 -22.15 -8.46 -0.18
CA THR A 80 -23.44 -7.76 -0.02
C THR A 80 -23.34 -6.37 -0.59
N ASN A 81 -24.47 -5.67 -0.54
CA ASN A 81 -24.64 -4.35 -1.16
C ASN A 81 -24.41 -4.42 -2.67
N VAL A 82 -24.79 -5.57 -3.23
CA VAL A 82 -24.70 -5.82 -4.66
C VAL A 82 -26.02 -5.38 -5.27
N ALA A 83 -25.95 -4.36 -6.13
CA ALA A 83 -27.11 -3.91 -6.87
C ALA A 83 -27.51 -4.88 -7.97
N ALA A 84 -28.78 -4.81 -8.38
CA ALA A 84 -29.37 -5.79 -9.26
C ALA A 84 -28.63 -5.79 -10.57
N GLY A 85 -28.34 -6.99 -11.06
CA GLY A 85 -27.66 -7.12 -12.35
C GLY A 85 -28.61 -7.14 -13.53
N GLU A 86 -28.10 -6.80 -14.71
CA GLU A 86 -28.91 -6.91 -15.91
C GLU A 86 -29.26 -8.38 -16.11
N ILE A 87 -30.52 -8.67 -16.44
CA ILE A 87 -30.97 -10.01 -16.75
C ILE A 87 -31.15 -10.07 -18.27
N ALA A 88 -30.12 -10.62 -18.94
CA ALA A 88 -30.07 -10.72 -20.40
C ALA A 88 -29.08 -11.81 -20.77
N SER A 89 -29.19 -12.37 -21.98
CA SER A 89 -28.34 -13.48 -22.44
C SER A 89 -26.82 -13.17 -22.41
N ASP A 90 -26.47 -11.89 -22.49
CA ASP A 90 -25.07 -11.44 -22.55
C ASP A 90 -24.59 -10.84 -21.26
N SER A 91 -25.46 -10.80 -20.26
CA SER A 91 -25.06 -10.10 -19.05
C SER A 91 -23.98 -10.83 -18.29
N THR A 92 -22.98 -10.07 -17.84
CA THR A 92 -21.98 -10.62 -16.93
C THR A 92 -22.07 -9.94 -15.55
N ASP A 93 -23.22 -9.33 -15.25
CA ASP A 93 -23.44 -8.75 -13.93
C ASP A 93 -23.79 -9.84 -12.95
N ALA A 94 -23.28 -9.72 -11.72
CA ALA A 94 -23.73 -10.60 -10.63
C ALA A 94 -25.19 -10.33 -10.37
N VAL A 95 -25.89 -11.37 -9.95
CA VAL A 95 -27.28 -11.21 -9.54
C VAL A 95 -27.40 -11.32 -8.01
N ASN A 96 -28.37 -10.60 -7.46
CA ASN A 96 -28.57 -10.60 -6.01
C ASN A 96 -29.80 -11.38 -5.56
N GLY A 97 -29.96 -11.50 -4.25
CA GLY A 97 -31.02 -12.29 -3.66
C GLY A 97 -32.44 -11.80 -3.95
N SER A 98 -32.60 -10.50 -4.22
CA SER A 98 -33.92 -9.98 -4.58
CA SER A 98 -33.90 -9.95 -4.61
C SER A 98 -34.32 -10.52 -5.96
N GLN A 99 -33.35 -10.67 -6.84
CA GLN A 99 -33.59 -11.16 -8.17
C GLN A 99 -33.93 -12.63 -8.13
N LEU A 100 -33.18 -13.42 -7.37
CA LEU A 100 -33.55 -14.84 -7.21
C LEU A 100 -34.90 -14.98 -6.51
N TYR A 101 -35.17 -14.11 -5.54
CA TYR A 101 -36.47 -14.09 -4.89
C TYR A 101 -37.59 -13.96 -5.94
N GLU A 102 -37.44 -12.97 -6.82
CA GLU A 102 -38.42 -12.75 -7.89
C GLU A 102 -38.60 -13.97 -8.78
N THR A 103 -37.49 -14.56 -9.20
CA THR A 103 -37.50 -15.81 -9.95
C THR A 103 -38.23 -16.95 -9.24
N ASN A 104 -37.90 -17.16 -7.96
CA ASN A 104 -38.53 -18.22 -7.16
C ASN A 104 -40.04 -17.97 -7.06
N MET A 105 -40.43 -16.71 -6.98
CA MET A 105 -41.85 -16.34 -6.92
C MET A 105 -42.57 -16.66 -8.24
N LEU A 106 -41.93 -16.40 -9.38
CA LEU A 106 -42.47 -16.81 -10.70
C LEU A 106 -42.72 -18.32 -10.77
N ILE A 107 -41.88 -19.10 -10.11
CA ILE A 107 -41.97 -20.57 -10.11
C ILE A 107 -43.12 -21.01 -9.23
N SER A 108 -43.18 -20.45 -8.03
CA SER A 108 -44.23 -20.75 -7.06
C SER A 108 -45.61 -20.33 -7.57
N GLN A 109 -45.64 -19.23 -8.30
CA GLN A 109 -46.85 -18.75 -8.96
C GLN A 109 -47.21 -19.73 -10.07
N TYR A 110 -46.22 -20.11 -10.86
CA TYR A 110 -46.37 -21.13 -11.90
C TYR A 110 -46.94 -22.45 -11.37
N ASN A 111 -46.38 -22.92 -10.24
CA ASN A 111 -46.80 -24.20 -9.64
C ASN A 111 -48.24 -24.17 -9.10
N GLN B 3 61.66 23.79 18.41
CA GLN B 3 60.52 22.87 18.65
C GLN B 3 59.17 23.50 18.36
N ILE B 4 59.04 24.81 18.47
CA ILE B 4 57.72 25.39 18.30
C ILE B 4 57.35 25.48 16.82
N GLU B 5 58.31 25.68 15.93
CA GLU B 5 58.05 25.61 14.49
C GLU B 5 57.52 24.22 14.08
N ASP B 6 58.13 23.18 14.64
CA ASP B 6 57.64 21.80 14.48
C ASP B 6 56.19 21.65 14.95
N LYS B 7 55.88 22.25 16.10
CA LYS B 7 54.59 22.13 16.72
C LYS B 7 53.57 22.80 15.84
N ILE B 8 53.90 24.01 15.40
CA ILE B 8 53.01 24.78 14.52
C ILE B 8 52.72 24.00 13.25
N GLU B 9 53.74 23.39 12.65
CA GLU B 9 53.54 22.64 11.41
C GLU B 9 52.67 21.42 11.63
N GLU B 10 52.86 20.74 12.76
CA GLU B 10 52.02 19.59 13.13
C GLU B 10 50.56 20.02 13.30
N ILE B 11 50.33 21.16 13.97
CA ILE B 11 48.99 21.69 14.14
C ILE B 11 48.37 22.04 12.77
N LEU B 12 49.11 22.75 11.94
CA LEU B 12 48.61 23.05 10.59
C LEU B 12 48.30 21.80 9.79
N SER B 13 49.13 20.75 9.96
CA SER B 13 48.88 19.47 9.31
C SER B 13 47.57 18.85 9.73
N LYS B 14 47.32 18.87 11.04
CA LYS B 14 46.08 18.29 11.57
C LYS B 14 44.85 19.09 11.14
N ILE B 15 45.01 20.42 11.13
CA ILE B 15 43.96 21.31 10.62
C ILE B 15 43.61 20.96 9.17
N TYR B 16 44.62 20.73 8.34
CA TYR B 16 44.37 20.31 6.95
C TYR B 16 43.57 19.02 6.89
N HIS B 17 43.97 18.06 7.71
CA HIS B 17 43.28 16.78 7.79
C HIS B 17 41.80 16.99 8.17
N ILE B 18 41.58 17.79 9.21
CA ILE B 18 40.21 18.10 9.65
C ILE B 18 39.38 18.79 8.57
N GLU B 19 39.98 19.73 7.85
CA GLU B 19 39.33 20.38 6.72
C GLU B 19 38.93 19.36 5.66
N ASN B 20 39.79 18.39 5.42
CA ASN B 20 39.48 17.32 4.47
C ASN B 20 38.32 16.47 4.97
N GLU B 21 38.32 16.15 6.25
CA GLU B 21 37.19 15.44 6.80
C GLU B 21 35.87 16.17 6.62
N ILE B 22 35.92 17.48 6.86
CA ILE B 22 34.72 18.30 6.80
C ILE B 22 34.21 18.34 5.38
N ALA B 23 35.12 18.41 4.40
CA ALA B 23 34.72 18.42 2.97
C ALA B 23 33.96 17.12 2.65
N ARG B 24 34.49 16.01 3.13
CA ARG B 24 33.88 14.69 2.94
CA ARG B 24 33.84 14.73 2.88
C ARG B 24 32.51 14.64 3.60
N ILE B 25 32.46 15.12 4.83
CA ILE B 25 31.22 15.11 5.61
C ILE B 25 30.13 15.87 4.91
N LYS B 26 30.47 17.05 4.37
CA LYS B 26 29.49 17.85 3.60
C LYS B 26 28.91 17.11 2.40
N LYS B 27 29.77 16.36 1.70
CA LYS B 27 29.33 15.58 0.56
C LYS B 27 28.40 14.47 1.03
N LEU B 28 28.77 13.78 2.11
CA LEU B 28 27.98 12.67 2.66
CA LEU B 28 27.98 12.66 2.61
C LEU B 28 26.59 13.13 3.05
N ILE B 29 26.52 14.28 3.69
CA ILE B 29 25.24 14.85 4.11
C ILE B 29 24.36 15.16 2.91
N TYR B 30 24.95 15.77 1.89
CA TYR B 30 24.23 16.06 0.64
C TYR B 30 23.70 14.78 0.01
N GLU B 31 24.57 13.78 -0.13
CA GLU B 31 24.19 12.46 -0.66
C GLU B 31 23.06 11.84 0.14
N THR B 32 23.17 11.89 1.46
CA THR B 32 22.14 11.33 2.33
C THR B 32 20.81 12.05 2.11
N ASN B 33 20.86 13.37 2.05
CA ASN B 33 19.65 14.15 1.78
C ASN B 33 19.01 13.87 0.43
N GLN B 34 19.80 13.56 -0.60
CA GLN B 34 19.25 13.17 -1.88
C GLN B 34 18.44 11.89 -1.74
N LYS B 35 18.97 10.91 -1.00
CA LYS B 35 18.23 9.67 -0.77
C LYS B 35 16.95 9.95 -0.02
N VAL B 36 17.03 10.72 1.06
CA VAL B 36 15.87 11.05 1.89
C VAL B 36 14.78 11.77 1.09
N ASP B 37 15.20 12.68 0.21
CA ASP B 37 14.28 13.38 -0.71
C ASP B 37 13.56 12.43 -1.61
N GLN B 38 14.29 11.46 -2.17
CA GLN B 38 13.71 10.43 -3.05
C GLN B 38 12.65 9.62 -2.31
N ASN B 39 12.97 9.22 -1.07
CA ASN B 39 12.03 8.47 -0.24
C ASN B 39 10.81 9.28 0.20
N THR B 40 11.02 10.56 0.52
CA THR B 40 9.91 11.42 0.89
C THR B 40 8.90 11.50 -0.25
N SER B 41 9.41 11.66 -1.47
CA SER B 41 8.56 11.74 -2.66
C SER B 41 7.97 10.37 -3.04
N ALA B 42 8.69 9.29 -2.77
CA ALA B 42 8.17 7.94 -2.99
C ALA B 42 7.01 7.65 -2.03
N ILE B 43 7.15 8.12 -0.79
CA ILE B 43 6.13 7.94 0.24
C ILE B 43 4.85 8.71 -0.11
N ALA B 44 4.99 9.94 -0.62
CA ALA B 44 3.82 10.71 -1.09
C ALA B 44 3.07 9.97 -2.20
N ASP B 45 3.83 9.39 -3.13
CA ASP B 45 3.25 8.57 -4.20
C ASP B 45 2.55 7.33 -3.66
N ILE B 46 3.19 6.67 -2.70
CA ILE B 46 2.61 5.51 -2.03
C ILE B 46 1.28 5.85 -1.33
N ASN B 47 1.26 6.96 -0.61
CA ASN B 47 0.05 7.38 0.11
C ASN B 47 -1.13 7.55 -0.82
N THR B 48 -0.88 8.12 -1.99
CA THR B 48 -1.91 8.29 -3.00
C THR B 48 -2.39 6.92 -3.52
N SER B 49 -1.43 6.06 -3.86
CA SER B 49 -1.76 4.70 -4.30
C SER B 49 -2.63 3.97 -3.30
N ILE B 50 -2.28 4.07 -2.02
CA ILE B 50 -3.01 3.38 -0.95
C ILE B 50 -4.42 3.95 -0.78
N THR B 51 -4.53 5.27 -0.92
CA THR B 51 -5.82 5.93 -0.85
C THR B 51 -6.72 5.45 -1.95
N ASN B 52 -6.18 5.37 -3.17
CA ASN B 52 -6.95 4.94 -4.33
C ASN B 52 -7.31 3.47 -4.29
N LEU B 53 -6.38 2.64 -3.81
CA LEU B 53 -6.67 1.20 -3.62
C LEU B 53 -7.78 0.97 -2.59
N GLY B 54 -7.76 1.75 -1.52
CA GLY B 54 -8.81 1.65 -0.50
C GLY B 54 -10.17 2.03 -1.03
N THR B 55 -10.19 2.99 -1.94
CA THR B 55 -11.42 3.50 -2.52
C THR B 55 -11.95 2.54 -3.57
N ASP B 56 -11.05 1.90 -4.29
CA ASP B 56 -11.48 1.16 -5.47
C ASP B 56 -11.54 -0.34 -5.34
N ALA B 57 -10.89 -0.93 -4.32
CA ALA B 57 -10.92 -2.38 -4.12
C ALA B 57 -12.22 -2.76 -3.41
N LEU B 58 -12.92 -3.76 -3.92
CA LEU B 58 -14.09 -4.32 -3.24
C LEU B 58 -13.55 -5.01 -1.97
N SER B 59 -14.02 -4.55 -0.81
CA SER B 59 -13.38 -4.90 0.44
C SER B 59 -14.36 -5.33 1.50
N TRP B 60 -13.80 -6.05 2.46
CA TRP B 60 -14.50 -6.45 3.65
C TRP B 60 -15.06 -5.25 4.39
N ASP B 61 -16.26 -5.40 4.94
CA ASP B 61 -16.88 -4.37 5.77
C ASP B 61 -17.26 -4.94 7.11
N ASP B 62 -16.63 -4.45 8.17
CA ASP B 62 -16.91 -4.87 9.56
C ASP B 62 -18.28 -4.48 10.16
N GLU B 63 -19.10 -3.75 9.41
CA GLU B 63 -20.50 -3.52 9.76
C GLU B 63 -21.42 -4.51 9.06
N GLU B 64 -20.90 -5.23 8.07
CA GLU B 64 -21.70 -6.17 7.26
C GLU B 64 -21.31 -7.63 7.52
N GLY B 65 -20.12 -7.84 8.09
CA GLY B 65 -19.56 -9.18 8.23
C GLY B 65 -19.47 -9.88 6.89
N ALA B 66 -19.13 -9.12 5.84
CA ALA B 66 -19.20 -9.58 4.45
C ALA B 66 -18.40 -8.60 3.64
N PHE B 67 -18.11 -8.98 2.41
CA PHE B 67 -17.60 -8.04 1.45
C PHE B 67 -18.76 -7.09 1.06
N SER B 68 -18.43 -5.83 0.81
CA SER B 68 -19.45 -4.83 0.48
C SER B 68 -19.14 -4.10 -0.83
N ALA B 69 -20.12 -4.02 -1.72
CA ALA B 69 -20.00 -3.25 -2.97
C ALA B 69 -20.45 -1.78 -2.88
N SER B 70 -20.42 -1.18 -1.68
CA SER B 70 -20.65 0.27 -1.54
C SER B 70 -19.49 1.02 -2.20
N HIS B 71 -19.80 2.15 -2.80
CA HIS B 71 -18.79 2.97 -3.45
C HIS B 71 -19.35 4.34 -3.78
N GLY B 72 -18.54 5.35 -3.52
CA GLY B 72 -18.97 6.71 -3.81
C GLY B 72 -20.25 7.00 -3.05
N THR B 73 -21.24 7.57 -3.74
CA THR B 73 -22.44 8.00 -3.06
C THR B 73 -23.49 6.92 -3.04
N SER B 74 -23.15 5.71 -3.53
CA SER B 74 -24.14 4.62 -3.64
CA SER B 74 -24.14 4.63 -3.63
C SER B 74 -23.74 3.47 -2.72
N GLY B 75 -24.61 3.16 -1.77
CA GLY B 75 -24.38 2.07 -0.84
C GLY B 75 -24.40 0.72 -1.50
N THR B 76 -25.08 0.62 -2.64
CA THR B 76 -25.05 -0.59 -3.45
C THR B 76 -24.57 -0.28 -4.87
N ASN B 77 -23.84 -1.23 -5.45
CA ASN B 77 -23.36 -1.13 -6.82
C ASN B 77 -23.28 -2.49 -7.44
N LYS B 78 -23.29 -2.51 -8.75
CA LYS B 78 -23.16 -3.75 -9.47
C LYS B 78 -21.75 -4.29 -9.38
N ILE B 79 -21.64 -5.61 -9.57
CA ILE B 79 -20.37 -6.30 -9.87
C ILE B 79 -20.56 -6.87 -11.28
N THR B 80 -19.67 -6.53 -12.19
CA THR B 80 -19.82 -6.99 -13.58
C THR B 80 -18.58 -7.72 -14.05
N ASN B 81 -18.62 -8.22 -15.29
CA ASN B 81 -17.57 -9.09 -15.85
C ASN B 81 -17.36 -10.37 -15.04
N VAL B 82 -18.46 -10.85 -14.46
CA VAL B 82 -18.51 -12.09 -13.69
C VAL B 82 -18.84 -13.25 -14.63
N ALA B 83 -17.87 -14.15 -14.77
CA ALA B 83 -18.03 -15.38 -15.53
C ALA B 83 -19.08 -16.26 -14.92
N ALA B 84 -19.78 -17.01 -15.77
CA ALA B 84 -20.82 -17.90 -15.28
C ALA B 84 -20.26 -18.83 -14.21
N GLY B 85 -20.99 -18.93 -13.09
CA GLY B 85 -20.65 -19.80 -11.99
C GLY B 85 -21.14 -21.21 -12.23
N GLU B 86 -20.45 -22.19 -11.63
CA GLU B 86 -20.93 -23.57 -11.73
C GLU B 86 -22.29 -23.70 -11.06
N ILE B 87 -23.26 -24.32 -11.74
CA ILE B 87 -24.56 -24.58 -11.15
CA ILE B 87 -24.57 -24.59 -11.17
C ILE B 87 -24.57 -26.03 -10.68
N ALA B 88 -24.37 -26.22 -9.38
CA ALA B 88 -24.18 -27.54 -8.77
C ALA B 88 -24.57 -27.42 -7.29
N SER B 89 -24.91 -28.54 -6.67
CA SER B 89 -25.43 -28.54 -5.31
C SER B 89 -24.48 -27.96 -4.29
N ASP B 90 -23.18 -27.99 -4.56
CA ASP B 90 -22.18 -27.53 -3.58
C ASP B 90 -21.39 -26.33 -4.10
N SER B 91 -21.90 -25.70 -5.15
CA SER B 91 -21.20 -24.58 -5.77
C SER B 91 -21.23 -23.36 -4.90
N THR B 92 -20.07 -22.72 -4.76
CA THR B 92 -19.96 -21.42 -4.09
C THR B 92 -19.58 -20.34 -5.09
N ASP B 93 -19.82 -20.58 -6.38
CA ASP B 93 -19.54 -19.58 -7.41
C ASP B 93 -20.67 -18.57 -7.49
N ALA B 94 -20.31 -17.29 -7.63
CA ALA B 94 -21.32 -16.27 -7.99
C ALA B 94 -21.97 -16.63 -9.31
N VAL B 95 -23.24 -16.25 -9.43
CA VAL B 95 -23.99 -16.43 -10.68
C VAL B 95 -24.29 -15.08 -11.33
N ASN B 96 -24.34 -15.07 -12.67
CA ASN B 96 -24.54 -13.81 -13.40
C ASN B 96 -25.94 -13.71 -14.04
N GLY B 97 -26.22 -12.53 -14.57
CA GLY B 97 -27.53 -12.27 -15.15
C GLY B 97 -27.90 -13.12 -16.34
N SER B 98 -26.90 -13.62 -17.06
CA SER B 98 -27.15 -14.55 -18.17
CA SER B 98 -27.13 -14.57 -18.16
C SER B 98 -27.73 -15.87 -17.65
N GLN B 99 -27.20 -16.33 -16.53
CA GLN B 99 -27.64 -17.57 -15.92
C GLN B 99 -29.06 -17.42 -15.40
N LEU B 100 -29.33 -16.32 -14.73
CA LEU B 100 -30.70 -16.03 -14.26
C LEU B 100 -31.68 -15.84 -15.43
N TYR B 101 -31.23 -15.18 -16.48
CA TYR B 101 -32.02 -15.06 -17.74
C TYR B 101 -32.49 -16.44 -18.25
N GLU B 102 -31.56 -17.37 -18.34
CA GLU B 102 -31.89 -18.73 -18.79
C GLU B 102 -32.92 -19.38 -17.89
N THR B 103 -32.72 -19.30 -16.58
CA THR B 103 -33.68 -19.82 -15.61
C THR B 103 -35.06 -19.18 -15.83
N ASN B 104 -35.13 -17.85 -15.85
CA ASN B 104 -36.36 -17.12 -16.13
C ASN B 104 -37.06 -17.51 -17.43
N MET B 105 -36.26 -17.75 -18.47
CA MET B 105 -36.78 -18.21 -19.77
C MET B 105 -37.40 -19.59 -19.66
N LEU B 106 -36.74 -20.53 -18.95
CA LEU B 106 -37.33 -21.86 -18.73
C LEU B 106 -38.71 -21.75 -18.08
N ILE B 107 -38.81 -20.93 -17.04
CA ILE B 107 -40.07 -20.69 -16.35
C ILE B 107 -41.11 -20.08 -17.29
N SER B 108 -40.70 -19.05 -18.02
CA SER B 108 -41.61 -18.32 -18.92
C SER B 108 -42.20 -19.26 -19.96
N GLN B 109 -41.35 -20.07 -20.60
CA GLN B 109 -41.78 -21.03 -21.63
C GLN B 109 -42.84 -22.01 -21.07
N TYR B 110 -42.71 -22.36 -19.80
CA TYR B 110 -43.69 -23.23 -19.14
C TYR B 110 -45.04 -22.52 -18.94
N ASN B 111 -44.99 -21.19 -18.76
CA ASN B 111 -46.18 -20.36 -18.60
C ASN B 111 -46.58 -19.67 -19.92
N GLN C 3 54.40 32.44 26.93
CA GLN C 3 53.09 32.73 26.31
C GLN C 3 52.77 31.87 25.12
N ILE C 4 53.69 31.79 24.16
CA ILE C 4 53.36 31.05 22.93
C ILE C 4 53.25 29.54 23.17
N GLU C 5 54.07 28.98 24.05
CA GLU C 5 53.93 27.56 24.38
C GLU C 5 52.54 27.32 24.99
N ASP C 6 52.07 28.28 25.79
CA ASP C 6 50.74 28.25 26.37
C ASP C 6 49.64 28.36 25.30
N LYS C 7 49.83 29.26 24.34
CA LYS C 7 48.88 29.46 23.25
C LYS C 7 48.69 28.15 22.48
N ILE C 8 49.82 27.53 22.15
CA ILE C 8 49.85 26.24 21.48
C ILE C 8 49.07 25.18 22.25
N GLU C 9 49.28 25.09 23.57
CA GLU C 9 48.51 24.17 24.42
C GLU C 9 47.01 24.41 24.35
N GLU C 10 46.60 25.68 24.35
CA GLU C 10 45.19 26.01 24.23
C GLU C 10 44.64 25.61 22.86
N ILE C 11 45.43 25.85 21.82
CA ILE C 11 45.06 25.46 20.44
C ILE C 11 44.88 23.94 20.34
N LEU C 12 45.86 23.20 20.86
CA LEU C 12 45.76 21.74 20.87
C LEU C 12 44.51 21.27 21.61
N SER C 13 44.19 21.86 22.76
CA SER C 13 42.98 21.47 23.49
CA SER C 13 42.98 21.48 23.49
C SER C 13 41.73 21.66 22.64
N LYS C 14 41.67 22.78 21.90
CA LYS C 14 40.50 23.03 21.07
C LYS C 14 40.43 22.04 19.91
N ILE C 15 41.58 21.75 19.29
CA ILE C 15 41.68 20.73 18.22
C ILE C 15 41.20 19.37 18.72
N TYR C 16 41.56 19.01 19.95
CA TYR C 16 41.07 17.76 20.55
C TYR C 16 39.55 17.72 20.64
N HIS C 17 38.94 18.84 21.10
CA HIS C 17 37.50 18.96 21.13
C HIS C 17 36.88 18.82 19.72
N ILE C 18 37.48 19.49 18.74
CA ILE C 18 37.04 19.42 17.35
C ILE C 18 37.07 17.97 16.85
N GLU C 19 38.11 17.25 17.19
CA GLU C 19 38.27 15.85 16.77
C GLU C 19 37.15 15.00 17.34
N ASN C 20 36.80 15.23 18.60
CA ASN C 20 35.67 14.53 19.22
C ASN C 20 34.36 14.83 18.51
N GLU C 21 34.14 16.09 18.14
CA GLU C 21 32.93 16.49 17.43
C GLU C 21 32.86 15.80 16.06
N ILE C 22 33.99 15.68 15.40
CA ILE C 22 34.01 15.07 14.07
CA ILE C 22 34.02 15.07 14.06
C ILE C 22 33.68 13.57 14.16
N ALA C 23 34.25 12.90 15.16
CA ALA C 23 33.99 11.46 15.38
C ALA C 23 32.52 11.24 15.68
N ARG C 24 31.92 12.11 16.50
CA ARG C 24 30.49 12.03 16.77
C ARG C 24 29.65 12.23 15.50
N ILE C 25 30.02 13.24 14.71
CA ILE C 25 29.30 13.54 13.48
C ILE C 25 29.34 12.33 12.53
N LYS C 26 30.51 11.73 12.36
CA LYS C 26 30.63 10.52 11.53
C LYS C 26 29.69 9.42 11.98
N LYS C 27 29.63 9.20 13.29
CA LYS C 27 28.79 8.16 13.86
C LYS C 27 27.31 8.47 13.58
N LEU C 28 26.92 9.73 13.77
CA LEU C 28 25.55 10.14 13.50
C LEU C 28 25.17 9.96 12.04
N ILE C 29 26.09 10.27 11.13
CA ILE C 29 25.82 10.11 9.70
C ILE C 29 25.70 8.63 9.36
N TYR C 30 26.58 7.81 9.92
CA TYR C 30 26.48 6.35 9.76
C TYR C 30 25.13 5.83 10.19
N GLU C 31 24.71 6.24 11.39
CA GLU C 31 23.44 5.79 11.98
C GLU C 31 22.24 6.26 11.15
N THR C 32 22.27 7.51 10.72
CA THR C 32 21.23 8.02 9.81
C THR C 32 21.13 7.18 8.53
N ASN C 33 22.28 6.86 7.94
CA ASN C 33 22.27 6.09 6.71
C ASN C 33 21.78 4.65 6.91
N GLN C 34 22.03 4.07 8.08
CA GLN C 34 21.47 2.76 8.38
C GLN C 34 19.95 2.82 8.37
N LYS C 35 19.37 3.89 8.91
CA LYS C 35 17.92 4.09 8.90
C LYS C 35 17.39 4.32 7.48
N VAL C 36 18.09 5.16 6.74
CA VAL C 36 17.68 5.51 5.37
C VAL C 36 17.69 4.26 4.49
N ASP C 37 18.74 3.45 4.63
CA ASP C 37 18.82 2.16 3.93
C ASP C 37 17.62 1.26 4.28
N GLN C 38 17.33 1.13 5.58
CA GLN C 38 16.19 0.33 6.03
C GLN C 38 14.91 0.86 5.39
N ASN C 39 14.74 2.18 5.38
CA ASN C 39 13.54 2.79 4.81
C ASN C 39 13.43 2.64 3.29
N THR C 40 14.55 2.76 2.58
CA THR C 40 14.57 2.61 1.12
C THR C 40 14.08 1.21 0.75
N SER C 41 14.60 0.21 1.45
CA SER C 41 14.18 -1.17 1.26
C SER C 41 12.70 -1.36 1.54
N ALA C 42 12.25 -0.79 2.66
CA ALA C 42 10.86 -0.93 3.08
C ALA C 42 9.89 -0.32 2.06
N ILE C 43 10.29 0.78 1.44
CA ILE C 43 9.53 1.42 0.37
C ILE C 43 9.50 0.54 -0.88
N ALA C 44 10.62 -0.15 -1.16
CA ALA C 44 10.70 -1.10 -2.26
C ALA C 44 9.73 -2.26 -2.06
N ASP C 45 9.67 -2.78 -0.83
CA ASP C 45 8.71 -3.84 -0.49
C ASP C 45 7.27 -3.35 -0.63
N ILE C 46 7.01 -2.13 -0.19
CA ILE C 46 5.68 -1.54 -0.25
C ILE C 46 5.20 -1.38 -1.70
N ASN C 47 6.09 -0.89 -2.57
CA ASN C 47 5.76 -0.74 -3.99
C ASN C 47 5.40 -2.09 -4.64
N THR C 48 6.09 -3.16 -4.23
CA THR C 48 5.75 -4.51 -4.69
C THR C 48 4.37 -4.96 -4.19
N SER C 49 4.08 -4.72 -2.91
CA SER C 49 2.77 -5.03 -2.34
C SER C 49 1.65 -4.28 -3.08
N ILE C 50 1.89 -3.01 -3.35
CA ILE C 50 0.92 -2.16 -4.05
C ILE C 50 0.69 -2.63 -5.48
N THR C 51 1.77 -2.95 -6.18
CA THR C 51 1.65 -3.46 -7.54
C THR C 51 0.81 -4.72 -7.51
N ASN C 52 1.08 -5.61 -6.55
CA ASN C 52 0.40 -6.90 -6.47
C ASN C 52 -1.06 -6.77 -6.08
N LEU C 53 -1.35 -5.87 -5.15
CA LEU C 53 -2.74 -5.59 -4.76
C LEU C 53 -3.51 -5.05 -5.96
N GLY C 54 -2.87 -4.20 -6.76
CA GLY C 54 -3.53 -3.64 -7.94
C GLY C 54 -3.89 -4.69 -8.96
N THR C 55 -2.95 -5.61 -9.20
CA THR C 55 -3.15 -6.69 -10.16
CA THR C 55 -3.14 -6.70 -10.16
C THR C 55 -4.24 -7.65 -9.69
N ASP C 56 -4.30 -7.87 -8.38
CA ASP C 56 -5.14 -8.94 -7.87
C ASP C 56 -6.44 -8.54 -7.18
N ALA C 57 -6.64 -7.27 -6.88
CA ALA C 57 -7.89 -6.86 -6.23
C ALA C 57 -9.02 -6.75 -7.25
N LEU C 58 -10.22 -7.11 -6.85
CA LEU C 58 -11.40 -6.91 -7.66
C LEU C 58 -11.77 -5.47 -7.48
N SER C 59 -11.65 -4.68 -8.54
CA SER C 59 -11.68 -3.24 -8.40
C SER C 59 -12.76 -2.55 -9.19
N TRP C 60 -13.05 -1.34 -8.76
CA TRP C 60 -13.98 -0.46 -9.43
C TRP C 60 -13.51 -0.17 -10.85
N ASP C 61 -14.47 -0.04 -11.76
CA ASP C 61 -14.23 0.29 -13.17
C ASP C 61 -15.12 1.51 -13.47
N ASP C 62 -14.50 2.66 -13.71
CA ASP C 62 -15.21 3.93 -13.91
C ASP C 62 -16.19 3.87 -15.07
N GLU C 63 -15.78 3.24 -16.17
CA GLU C 63 -16.60 3.21 -17.38
C GLU C 63 -17.81 2.28 -17.21
N GLU C 64 -17.64 1.23 -16.40
CA GLU C 64 -18.76 0.35 -16.07
C GLU C 64 -19.61 0.87 -14.94
N GLY C 65 -19.06 1.76 -14.11
CA GLY C 65 -19.74 2.21 -12.89
C GLY C 65 -20.09 1.04 -12.00
N ALA C 66 -19.15 0.12 -11.89
CA ALA C 66 -19.36 -1.12 -11.17
C ALA C 66 -18.01 -1.69 -10.80
N PHE C 67 -17.99 -2.60 -9.84
CA PHE C 67 -16.81 -3.42 -9.62
C PHE C 67 -16.69 -4.39 -10.80
N SER C 68 -15.46 -4.74 -11.15
CA SER C 68 -15.21 -5.56 -12.33
C SER C 68 -14.38 -6.77 -11.95
N ALA C 69 -14.87 -7.95 -12.35
CA ALA C 69 -14.12 -9.20 -12.16
C ALA C 69 -13.24 -9.54 -13.39
N SER C 70 -12.91 -8.54 -14.23
CA SER C 70 -11.76 -8.65 -15.11
C SER C 70 -10.49 -8.92 -14.31
N HIS C 71 -9.54 -9.63 -14.93
CA HIS C 71 -8.25 -9.89 -14.33
C HIS C 71 -7.24 -10.28 -15.36
N GLY C 72 -6.09 -9.60 -15.34
CA GLY C 72 -5.03 -9.90 -16.31
C GLY C 72 -5.58 -9.72 -17.71
N THR C 73 -5.36 -10.72 -18.55
CA THR C 73 -5.80 -10.70 -19.93
C THR C 73 -7.27 -11.06 -20.10
N SER C 74 -7.88 -11.58 -19.02
CA SER C 74 -9.22 -12.17 -19.07
C SER C 74 -10.29 -11.17 -18.71
N GLY C 75 -11.12 -10.82 -19.69
CA GLY C 75 -12.16 -9.81 -19.50
C GLY C 75 -13.23 -10.22 -18.51
N THR C 76 -13.47 -11.52 -18.36
CA THR C 76 -14.42 -11.98 -17.31
C THR C 76 -13.86 -13.18 -16.55
N ASN C 77 -14.22 -13.30 -15.28
CA ASN C 77 -13.73 -14.39 -14.46
C ASN C 77 -14.75 -14.69 -13.40
N LYS C 78 -14.60 -15.87 -12.80
CA LYS C 78 -15.48 -16.29 -11.73
C LYS C 78 -15.14 -15.57 -10.41
N ILE C 79 -16.15 -15.45 -9.56
CA ILE C 79 -15.98 -15.19 -8.10
C ILE C 79 -16.45 -16.42 -7.37
N THR C 80 -15.59 -16.99 -6.54
CA THR C 80 -15.93 -18.21 -5.84
C THR C 80 -15.77 -18.06 -4.33
N ASN C 81 -16.19 -19.10 -3.64
CA ASN C 81 -16.21 -19.11 -2.17
C ASN C 81 -17.17 -18.06 -1.62
N VAL C 82 -18.26 -17.86 -2.37
CA VAL C 82 -19.32 -16.96 -2.01
C VAL C 82 -20.36 -17.72 -1.20
N ALA C 83 -20.55 -17.32 0.05
CA ALA C 83 -21.62 -17.90 0.87
C ALA C 83 -22.99 -17.55 0.33
N ALA C 84 -23.95 -18.43 0.57
CA ALA C 84 -25.32 -18.21 0.10
C ALA C 84 -25.87 -16.85 0.55
N GLY C 85 -26.47 -16.12 -0.38
CA GLY C 85 -27.11 -14.86 -0.07
C GLY C 85 -28.54 -14.99 0.40
N GLU C 86 -29.00 -14.00 1.16
CA GLU C 86 -30.41 -13.94 1.58
C GLU C 86 -31.29 -13.87 0.33
N ILE C 87 -32.30 -14.74 0.25
CA ILE C 87 -33.31 -14.67 -0.78
C ILE C 87 -34.52 -13.96 -0.17
N ALA C 88 -34.65 -12.68 -0.52
CA ALA C 88 -35.69 -11.79 -0.01
C ALA C 88 -35.88 -10.63 -0.99
N SER C 89 -37.02 -9.94 -0.94
CA SER C 89 -37.31 -8.91 -1.95
C SER C 89 -36.39 -7.70 -1.84
N ASP C 90 -35.77 -7.48 -0.68
CA ASP C 90 -34.82 -6.38 -0.55
C ASP C 90 -33.39 -6.83 -0.29
N SER C 91 -33.09 -8.09 -0.56
CA SER C 91 -31.71 -8.58 -0.43
C SER C 91 -30.77 -8.02 -1.51
N THR C 92 -29.59 -7.59 -1.05
CA THR C 92 -28.52 -7.17 -1.94
C THR C 92 -27.34 -8.12 -1.81
N ASP C 93 -27.58 -9.32 -1.28
CA ASP C 93 -26.51 -10.32 -1.20
C ASP C 93 -26.38 -10.96 -2.56
N ALA C 94 -25.14 -11.20 -2.98
CA ALA C 94 -24.86 -12.06 -4.13
C ALA C 94 -25.42 -13.44 -3.83
N VAL C 95 -25.82 -14.15 -4.90
CA VAL C 95 -26.27 -15.53 -4.80
C VAL C 95 -25.28 -16.44 -5.52
N ASN C 96 -25.18 -17.67 -5.01
CA ASN C 96 -24.23 -18.62 -5.55
C ASN C 96 -24.89 -19.75 -6.35
N GLY C 97 -24.05 -20.56 -7.00
CA GLY C 97 -24.48 -21.60 -7.91
C GLY C 97 -25.33 -22.67 -7.24
N SER C 98 -25.14 -22.87 -5.93
CA SER C 98 -25.95 -23.85 -5.20
C SER C 98 -27.39 -23.37 -5.05
N GLN C 99 -27.55 -22.06 -4.95
CA GLN C 99 -28.88 -21.47 -4.86
C GLN C 99 -29.61 -21.53 -6.18
N LEU C 100 -28.92 -21.24 -7.27
CA LEU C 100 -29.56 -21.31 -8.57
C LEU C 100 -29.86 -22.76 -8.95
N TYR C 101 -28.97 -23.67 -8.56
CA TYR C 101 -29.22 -25.11 -8.73
C TYR C 101 -30.55 -25.50 -8.10
N GLU C 102 -30.76 -25.04 -6.86
CA GLU C 102 -31.97 -25.37 -6.11
C GLU C 102 -33.22 -24.84 -6.81
N THR C 103 -33.15 -23.60 -7.28
CA THR C 103 -34.22 -22.97 -8.06
C THR C 103 -34.48 -23.76 -9.34
N ASN C 104 -33.42 -24.11 -10.03
CA ASN C 104 -33.49 -24.89 -11.27
C ASN C 104 -34.15 -26.27 -11.05
N MET C 105 -33.91 -26.87 -9.88
CA MET C 105 -34.54 -28.15 -9.51
C MET C 105 -36.02 -28.01 -9.14
N LEU C 106 -36.43 -26.86 -8.61
CA LEU C 106 -37.85 -26.58 -8.37
C LEU C 106 -38.61 -26.59 -9.68
N ILE C 107 -38.02 -25.98 -10.71
CA ILE C 107 -38.62 -25.85 -12.03
C ILE C 107 -38.74 -27.21 -12.70
N SER C 108 -37.66 -27.98 -12.65
CA SER C 108 -37.62 -29.32 -13.23
C SER C 108 -38.57 -30.30 -12.51
N GLN C 109 -38.82 -30.04 -11.23
CA GLN C 109 -39.82 -30.79 -10.44
C GLN C 109 -41.25 -30.39 -10.84
N TYR C 110 -41.50 -29.08 -10.86
CA TYR C 110 -42.78 -28.54 -11.30
C TYR C 110 -43.13 -29.02 -12.71
N ASN C 111 -42.13 -29.13 -13.59
CA ASN C 111 -42.32 -29.66 -14.95
C ASN C 111 -42.59 -31.18 -14.97
N NO3 D . 14.22 8.11 4.66
O1 NO3 D . 13.91 9.10 3.74
O2 NO3 D . 14.94 7.00 4.26
O3 NO3 D . 13.79 8.21 5.97
N NO3 E . -9.99 -13.98 11.22
O1 NO3 E . -10.56 -13.67 10.00
O2 NO3 E . -8.66 -14.41 11.28
O3 NO3 E . -10.74 -13.89 12.38
N NO3 F . -28.82 5.08 -3.94
O1 NO3 F . -29.69 6.11 -4.24
O2 NO3 F . -27.55 5.02 -4.48
O3 NO3 F . -29.25 4.13 -3.04
N NO3 G . 42.31 13.21 14.82
O1 NO3 G . 42.22 13.66 13.50
O2 NO3 G . 43.52 13.12 15.50
O3 NO3 G . 41.17 12.86 15.49
#